data_2PVE
#
_entry.id   2PVE
#
_cell.length_a   38.169
_cell.length_b   56.860
_cell.length_c   38.170
_cell.angle_alpha   90.00
_cell.angle_beta   112.92
_cell.angle_gamma   90.00
#
_symmetry.space_group_name_H-M   'P 1 21 1'
#
loop_
_entity.id
_entity.type
_entity.pdbx_description
1 polymer Rubredoxin
2 non-polymer 'ZINC ION'
3 non-polymer 'ACETATE ION'
4 non-polymer 1,2-ETHANEDIOL
5 water water
#
_entity_poly.entity_id   1
_entity_poly.type   'polypeptide(L)'
_entity_poly.pdbx_seq_one_letter_code
;MKKYTCKICGYIYNPEDGDPDNGVNPGTDFKDIPDDWVCPICGAPKSEFEEVEE
;
_entity_poly.pdbx_strand_id   A,B,C
#
loop_
_chem_comp.id
_chem_comp.type
_chem_comp.name
_chem_comp.formula
ACT non-polymer 'ACETATE ION' 'C2 H3 O2 -1'
EDO non-polymer 1,2-ETHANEDIOL 'C2 H6 O2'
ZN non-polymer 'ZINC ION' 'Zn 2'
#
# COMPACT_ATOMS: atom_id res chain seq x y z
N MET A 1 26.90 -1.67 -4.24
CA MET A 1 25.56 -1.38 -3.80
C MET A 1 24.67 -2.47 -4.41
N LYS A 2 23.59 -2.72 -3.60
CA LYS A 2 22.66 -3.79 -3.95
C LYS A 2 21.37 -3.23 -4.57
N LYS A 3 20.74 -4.05 -5.35
CA LYS A 3 19.40 -3.82 -5.85
C LYS A 3 18.39 -4.07 -4.76
N TYR A 4 17.29 -3.30 -4.80
CA TYR A 4 16.17 -3.44 -3.88
C TYR A 4 14.91 -3.65 -4.72
N THR A 5 13.92 -4.29 -4.18
CA THR A 5 12.67 -4.52 -4.89
C THR A 5 11.50 -4.19 -4.02
N CYS A 6 10.45 -3.69 -4.69
CA CYS A 6 9.19 -3.35 -4.06
C CYS A 6 8.43 -4.62 -3.72
N LYS A 7 8.11 -4.82 -2.46
CA LYS A 7 7.35 -5.96 -1.95
C LYS A 7 5.94 -5.98 -2.48
N ILE A 8 5.41 -4.83 -2.95
CA ILE A 8 4.04 -4.73 -3.46
C ILE A 8 3.96 -5.11 -4.93
N CYS A 9 4.84 -4.55 -5.76
CA CYS A 9 4.69 -4.74 -7.20
C CYS A 9 5.81 -5.44 -7.91
N GLY A 10 6.99 -5.58 -7.29
CA GLY A 10 8.12 -6.18 -7.91
C GLY A 10 9.07 -5.27 -8.65
N TYR A 11 8.80 -3.97 -8.74
CA TYR A 11 9.76 -3.02 -9.28
C TYR A 11 11.14 -3.23 -8.67
N ILE A 12 12.17 -3.10 -9.45
CA ILE A 12 13.55 -3.15 -8.96
C ILE A 12 14.20 -1.77 -9.03
N TYR A 13 14.64 -1.31 -7.86
CA TYR A 13 15.54 -0.17 -7.77
C TYR A 13 16.98 -0.67 -7.99
N ASN A 14 17.59 -0.21 -9.05
CA ASN A 14 18.96 -0.55 -9.38
C ASN A 14 19.81 0.68 -9.11
N PRO A 15 20.68 0.65 -8.11
CA PRO A 15 21.45 1.86 -7.76
C PRO A 15 22.32 2.33 -8.90
N GLU A 16 22.70 1.49 -9.84
CA GLU A 16 23.51 1.97 -10.94
C GLU A 16 22.69 2.81 -11.91
N ASP A 17 21.39 2.65 -11.92
CA ASP A 17 20.48 3.39 -12.78
C ASP A 17 19.79 4.56 -12.08
N GLY A 18 19.65 4.45 -10.75
CA GLY A 18 18.89 5.45 -10.02
C GLY A 18 17.43 5.47 -10.46
N ASP A 19 16.81 6.61 -10.19
CA ASP A 19 15.45 6.94 -10.67
C ASP A 19 15.47 8.43 -10.98
N PRO A 20 16.23 8.83 -12.00
CA PRO A 20 16.53 10.24 -12.21
C PRO A 20 15.29 11.12 -12.48
N ASP A 21 14.27 10.55 -13.09
CA ASP A 21 13.09 11.34 -13.37
C ASP A 21 12.41 11.84 -12.08
N ASN A 22 12.68 11.13 -10.98
CA ASN A 22 12.14 11.49 -9.70
C ASN A 22 13.23 11.96 -8.75
N GLY A 23 14.37 12.42 -9.33
CA GLY A 23 15.40 13.06 -8.57
C GLY A 23 16.41 12.18 -7.87
N VAL A 24 16.42 10.89 -8.20
CA VAL A 24 17.34 9.95 -7.59
C VAL A 24 18.44 9.65 -8.60
N ASN A 25 19.61 10.19 -8.37
CA ASN A 25 20.66 10.09 -9.39
C ASN A 25 21.20 8.67 -9.41
N PRO A 26 21.66 8.20 -10.58
CA PRO A 26 22.50 7.00 -10.62
C PRO A 26 23.57 7.11 -9.56
N GLY A 27 23.86 5.97 -8.93
CA GLY A 27 24.85 5.89 -7.87
C GLY A 27 24.31 6.08 -6.49
N THR A 28 23.01 6.29 -6.34
CA THR A 28 22.43 6.52 -5.03
C THR A 28 22.11 5.18 -4.35
N ASP A 29 22.76 4.92 -3.21
CA ASP A 29 22.43 3.76 -2.40
C ASP A 29 21.02 3.89 -1.89
N PHE A 30 20.28 2.77 -1.80
CA PHE A 30 18.88 2.84 -1.43
C PHE A 30 18.64 3.62 -0.14
N LYS A 31 19.48 3.38 0.86
CA LYS A 31 19.34 4.06 2.16
C LYS A 31 19.40 5.59 2.03
N ASP A 32 20.08 6.11 1.02
CA ASP A 32 20.26 7.53 0.81
C ASP A 32 19.16 8.18 -0.03
N ILE A 33 18.29 7.41 -0.65
CA ILE A 33 17.17 8.01 -1.39
C ILE A 33 16.32 8.81 -0.40
N PRO A 34 15.89 10.03 -0.74
CA PRO A 34 15.01 10.75 0.17
C PRO A 34 13.78 9.92 0.53
N ASP A 35 13.40 10.02 1.82
CA ASP A 35 12.43 9.08 2.37
C ASP A 35 10.99 9.38 2.01
N ASP A 36 10.74 10.40 1.19
CA ASP A 36 9.44 10.63 0.57
C ASP A 36 9.38 10.08 -0.87
N TRP A 37 10.43 9.54 -1.39
CA TRP A 37 10.38 8.86 -2.68
C TRP A 37 9.49 7.64 -2.58
N VAL A 38 8.77 7.34 -3.64
CA VAL A 38 7.90 6.18 -3.71
C VAL A 38 8.25 5.34 -4.93
N CYS A 39 7.80 4.08 -4.86
CA CYS A 39 7.96 3.20 -5.99
C CYS A 39 7.34 3.86 -7.23
N PRO A 40 8.06 3.93 -8.34
CA PRO A 40 7.53 4.61 -9.53
C PRO A 40 6.44 3.81 -10.24
N ILE A 41 6.27 2.56 -9.90
CA ILE A 41 5.22 1.71 -10.51
C ILE A 41 3.95 1.77 -9.68
N CYS A 42 4.01 1.49 -8.38
CA CYS A 42 2.80 1.34 -7.60
C CYS A 42 2.62 2.37 -6.49
N GLY A 43 3.61 3.23 -6.25
CA GLY A 43 3.52 4.24 -5.23
C GLY A 43 3.79 3.80 -3.82
N ALA A 44 4.28 2.56 -3.60
CA ALA A 44 4.64 2.08 -2.30
C ALA A 44 5.75 2.95 -1.68
N PRO A 45 5.74 3.11 -0.37
CA PRO A 45 6.84 3.82 0.29
C PRO A 45 8.09 2.96 0.37
N LYS A 46 9.22 3.58 0.73
CA LYS A 46 10.49 2.83 0.89
C LYS A 46 10.43 1.69 1.83
N SER A 47 9.56 1.85 2.86
CA SER A 47 9.39 0.79 3.86
C SER A 47 8.92 -0.54 3.29
N GLU A 48 8.39 -0.50 2.05
CA GLU A 48 7.97 -1.75 1.39
C GLU A 48 9.03 -2.38 0.51
N PHE A 49 10.25 -1.87 0.57
CA PHE A 49 11.29 -2.39 -0.25
C PHE A 49 12.12 -3.35 0.57
N GLU A 50 12.88 -4.24 -0.12
N GLU A 50 12.51 -4.34 -0.17
CA GLU A 50 13.83 -5.26 0.33
CA GLU A 50 13.35 -5.27 0.57
C GLU A 50 14.97 -5.59 -0.66
C GLU A 50 14.58 -5.35 -0.26
N GLU A 51 16.14 -6.12 -0.21
N GLU A 51 15.74 -5.58 0.35
CA GLU A 51 17.21 -6.45 -1.14
CA GLU A 51 16.90 -5.89 -0.49
C GLU A 51 16.76 -7.57 -2.06
C GLU A 51 16.63 -7.10 -1.35
N VAL A 52 17.18 -7.50 -3.31
N VAL A 52 17.11 -7.06 -2.59
CA VAL A 52 16.98 -8.61 -4.23
CA VAL A 52 16.93 -8.23 -3.48
C VAL A 52 17.79 -9.86 -3.81
C VAL A 52 17.73 -9.39 -2.94
N MET B 1 0.84 6.68 10.60
CA MET B 1 -0.38 6.50 9.88
C MET B 1 -0.55 7.63 8.88
N LYS B 2 -1.13 7.34 7.74
CA LYS B 2 -1.24 8.19 6.62
C LYS B 2 -2.65 8.72 6.44
N LYS B 3 -2.75 9.89 5.81
CA LYS B 3 -4.03 10.45 5.42
C LYS B 3 -4.55 9.74 4.19
N TYR B 4 -5.90 9.67 4.13
CA TYR B 4 -6.65 9.13 3.02
C TYR B 4 -7.60 10.15 2.49
N THR B 5 -7.89 10.14 1.19
CA THR B 5 -8.80 11.10 0.62
C THR B 5 -9.86 10.41 -0.21
N CYS B 6 -11.07 11.00 -0.09
CA CYS B 6 -12.22 10.53 -0.82
C CYS B 6 -12.10 10.89 -2.29
N LYS B 7 -12.15 9.92 -3.17
CA LYS B 7 -12.06 10.18 -4.62
C LYS B 7 -13.28 10.91 -5.14
N ILE B 8 -14.40 10.89 -4.41
CA ILE B 8 -15.63 11.56 -4.86
C ILE B 8 -15.59 13.03 -4.52
N CYS B 9 -15.34 13.37 -3.27
CA CYS B 9 -15.51 14.73 -2.80
C CYS B 9 -14.25 15.41 -2.29
N GLY B 10 -13.16 14.65 -2.10
CA GLY B 10 -11.92 15.20 -1.61
C GLY B 10 -11.78 15.30 -0.11
N TYR B 11 -12.78 14.87 0.67
CA TYR B 11 -12.65 14.84 2.13
C TYR B 11 -11.34 14.08 2.47
N ILE B 12 -10.65 14.63 3.48
CA ILE B 12 -9.44 14.03 3.99
C ILE B 12 -9.70 13.37 5.32
N TYR B 13 -9.48 12.08 5.41
CA TYR B 13 -9.44 11.39 6.67
C TYR B 13 -8.02 11.53 7.25
N ASN B 14 -7.92 12.22 8.37
CA ASN B 14 -6.67 12.46 9.08
C ASN B 14 -6.67 11.62 10.35
N PRO B 15 -5.83 10.60 10.44
CA PRO B 15 -5.90 9.74 11.59
C PRO B 15 -5.67 10.46 12.94
N GLU B 16 -4.95 11.56 12.98
CA GLU B 16 -4.77 12.29 14.24
C GLU B 16 -6.03 12.95 14.74
N ASP B 17 -6.92 13.23 13.81
CA ASP B 17 -8.19 13.84 14.12
C ASP B 17 -9.31 12.83 14.30
N GLY B 18 -9.16 11.68 13.61
CA GLY B 18 -10.27 10.74 13.53
C GLY B 18 -11.45 11.37 12.80
N ASP B 19 -12.61 10.73 13.04
CA ASP B 19 -13.90 11.25 12.63
C ASP B 19 -14.82 11.01 13.82
N PRO B 20 -14.54 11.68 14.93
CA PRO B 20 -15.07 11.23 16.21
C PRO B 20 -16.58 11.29 16.33
N ASP B 21 -17.19 12.29 15.66
CA ASP B 21 -18.62 12.42 15.77
C ASP B 21 -19.41 11.37 14.94
N ASN B 22 -18.65 10.57 14.17
CA ASN B 22 -19.20 9.38 13.53
C ASN B 22 -18.57 8.14 14.13
N GLY B 23 -17.97 8.23 15.31
CA GLY B 23 -17.53 7.06 16.03
C GLY B 23 -16.13 6.58 15.73
N VAL B 24 -15.31 7.37 15.03
CA VAL B 24 -13.95 6.98 14.70
C VAL B 24 -13.01 7.87 15.51
N ASN B 25 -12.37 7.27 16.50
CA ASN B 25 -11.64 8.09 17.45
C ASN B 25 -10.32 8.54 16.86
N PRO B 26 -9.79 9.66 17.33
CA PRO B 26 -8.42 10.02 17.01
C PRO B 26 -7.50 8.83 17.22
N GLY B 27 -6.54 8.68 16.29
CA GLY B 27 -5.57 7.60 16.34
C GLY B 27 -5.97 6.34 15.59
N THR B 28 -7.15 6.36 14.96
CA THR B 28 -7.56 5.20 14.19
C THR B 28 -6.98 5.24 12.79
N ASP B 29 -6.23 4.22 12.44
CA ASP B 29 -5.74 4.09 11.08
C ASP B 29 -6.92 3.87 10.12
N PHE B 30 -6.85 4.43 8.92
CA PHE B 30 -7.95 4.25 7.99
C PHE B 30 -8.34 2.80 7.81
N LYS B 31 -7.36 1.91 7.69
CA LYS B 31 -7.63 0.49 7.53
C LYS B 31 -8.57 -0.06 8.59
N ASP B 32 -8.39 0.44 9.82
CA ASP B 32 -9.09 -0.10 10.98
C ASP B 32 -10.41 0.59 11.26
N ILE B 33 -10.77 1.62 10.51
CA ILE B 33 -12.11 2.16 10.60
C ILE B 33 -13.09 1.05 10.28
N PRO B 34 -14.18 0.86 11.02
CA PRO B 34 -15.16 -0.16 10.64
C PRO B 34 -15.59 -0.01 9.19
N ASP B 35 -15.73 -1.17 8.51
CA ASP B 35 -15.88 -1.15 7.06
C ASP B 35 -17.25 -0.68 6.55
N ASP B 36 -18.16 -0.34 7.43
CA ASP B 36 -19.41 0.29 7.06
C ASP B 36 -19.41 1.79 7.30
N TRP B 37 -18.32 2.38 7.78
CA TRP B 37 -18.20 3.83 7.86
C TRP B 37 -18.23 4.41 6.45
N VAL B 38 -18.73 5.63 6.35
CA VAL B 38 -18.77 6.34 5.06
C VAL B 38 -18.17 7.72 5.21
N CYS B 39 -17.80 8.29 4.06
CA CYS B 39 -17.35 9.66 4.02
C CYS B 39 -18.43 10.56 4.62
N PRO B 40 -18.06 11.42 5.59
CA PRO B 40 -19.10 12.22 6.25
C PRO B 40 -19.63 13.35 5.40
N ILE B 41 -18.96 13.64 4.28
CA ILE B 41 -19.41 14.68 3.36
C ILE B 41 -20.33 14.08 2.31
N CYS B 42 -19.86 13.06 1.59
CA CYS B 42 -20.57 12.61 0.39
C CYS B 42 -21.21 11.24 0.53
N GLY B 43 -20.95 10.53 1.65
CA GLY B 43 -21.53 9.23 1.84
C GLY B 43 -20.80 8.07 1.25
N ALA B 44 -19.63 8.32 0.61
CA ALA B 44 -18.94 7.25 -0.08
C ALA B 44 -18.44 6.16 0.86
N PRO B 45 -18.50 4.90 0.38
CA PRO B 45 -17.84 3.83 1.13
C PRO B 45 -16.33 3.99 1.15
N LYS B 46 -15.72 3.23 2.07
CA LYS B 46 -14.26 3.24 2.19
C LYS B 46 -13.56 2.90 0.89
N SER B 47 -14.19 2.07 0.04
CA SER B 47 -13.61 1.69 -1.24
C SER B 47 -13.36 2.88 -2.16
N GLU B 48 -13.97 4.03 -1.91
CA GLU B 48 -13.78 5.21 -2.71
C GLU B 48 -12.63 6.08 -2.23
N PHE B 49 -11.89 5.65 -1.24
CA PHE B 49 -10.76 6.39 -0.72
C PHE B 49 -9.45 5.83 -1.32
N GLU B 50 -8.46 6.74 -1.27
CA GLU B 50 -7.10 6.39 -1.66
C GLU B 50 -6.14 7.10 -0.75
N GLU B 51 -4.95 6.52 -0.57
CA GLU B 51 -3.96 7.19 0.25
C GLU B 51 -3.56 8.50 -0.39
N VAL B 52 -3.38 9.54 0.42
CA VAL B 52 -2.87 10.84 -0.03
C VAL B 52 -1.42 10.75 -0.48
N MET C 1 8.17 -15.57 4.20
CA MET C 1 7.15 -14.79 3.53
C MET C 1 6.23 -14.19 4.58
N LYS C 2 5.96 -12.91 4.39
CA LYS C 2 5.23 -12.12 5.32
C LYS C 2 3.75 -12.00 4.85
N LYS C 3 2.93 -11.66 5.82
CA LYS C 3 1.50 -11.28 5.61
C LYS C 3 1.37 -9.85 5.26
N TYR C 4 0.37 -9.60 4.40
CA TYR C 4 0.06 -8.28 3.90
C TYR C 4 -1.40 -7.98 4.18
N THR C 5 -1.76 -6.71 4.24
CA THR C 5 -3.13 -6.33 4.57
C THR C 5 -3.59 -5.20 3.68
N CYS C 6 -4.90 -5.26 3.38
CA CYS C 6 -5.59 -4.26 2.58
C CYS C 6 -5.79 -3.00 3.42
N LYS C 7 -5.28 -1.90 2.94
CA LYS C 7 -5.39 -0.63 3.65
C LYS C 7 -6.83 -0.08 3.63
N ILE C 8 -7.67 -0.61 2.75
CA ILE C 8 -9.05 -0.16 2.67
C ILE C 8 -9.92 -0.92 3.65
N CYS C 9 -9.89 -2.26 3.64
CA CYS C 9 -10.85 -3.03 4.40
C CYS C 9 -10.24 -3.83 5.54
N GLY C 10 -8.94 -4.01 5.58
CA GLY C 10 -8.31 -4.81 6.62
C GLY C 10 -8.12 -6.29 6.34
N TYR C 11 -8.55 -6.79 5.19
CA TYR C 11 -8.25 -8.17 4.77
C TYR C 11 -6.77 -8.49 4.93
N ILE C 12 -6.45 -9.69 5.35
CA ILE C 12 -5.05 -10.14 5.43
C ILE C 12 -4.73 -11.20 4.42
N TYR C 13 -3.79 -10.93 3.53
CA TYR C 13 -3.25 -11.90 2.63
C TYR C 13 -2.24 -12.75 3.43
N ASN C 14 -2.51 -14.05 3.54
CA ASN C 14 -1.62 -15.00 4.18
C ASN C 14 -0.95 -15.75 3.03
N PRO C 15 0.34 -15.62 2.78
CA PRO C 15 1.01 -16.28 1.67
C PRO C 15 0.87 -17.78 1.67
N GLU C 16 0.79 -18.40 2.78
CA GLU C 16 0.66 -19.84 2.82
C GLU C 16 -0.69 -20.25 2.18
N ASP C 17 -1.75 -19.45 2.42
CA ASP C 17 -3.07 -19.75 1.90
C ASP C 17 -3.25 -19.36 0.48
N GLY C 18 -2.58 -18.29 0.05
CA GLY C 18 -2.78 -17.74 -1.26
C GLY C 18 -4.16 -17.17 -1.43
N ASP C 19 -4.60 -17.13 -2.71
CA ASP C 19 -5.96 -16.76 -3.13
C ASP C 19 -6.27 -17.58 -4.39
N PRO C 20 -6.36 -18.90 -4.20
CA PRO C 20 -6.36 -19.80 -5.38
C PRO C 20 -7.56 -19.64 -6.27
N ASP C 21 -8.70 -19.22 -5.73
CA ASP C 21 -9.88 -19.04 -6.60
C ASP C 21 -9.67 -17.93 -7.64
N ASN C 22 -8.72 -17.05 -7.33
CA ASN C 22 -8.39 -15.97 -8.23
C ASN C 22 -7.01 -16.13 -8.85
N GLY C 23 -6.53 -17.40 -8.85
CA GLY C 23 -5.32 -17.71 -9.57
C GLY C 23 -4.04 -17.49 -8.82
N VAL C 24 -4.08 -17.21 -7.52
CA VAL C 24 -2.88 -16.97 -6.72
C VAL C 24 -2.67 -18.21 -5.86
N ASN C 25 -1.69 -19.02 -6.22
CA ASN C 25 -1.59 -20.31 -5.54
C ASN C 25 -1.14 -20.14 -4.12
N PRO C 26 -1.56 -21.02 -3.22
CA PRO C 26 -0.96 -21.05 -1.89
C PRO C 26 0.56 -21.13 -2.05
N GLY C 27 1.27 -20.39 -1.18
CA GLY C 27 2.68 -20.30 -1.23
C GLY C 27 3.25 -19.14 -2.03
N THR C 28 2.40 -18.33 -2.65
CA THR C 28 2.84 -17.23 -3.43
C THR C 28 3.20 -16.00 -2.52
N ASP C 29 4.45 -15.58 -2.62
CA ASP C 29 4.86 -14.36 -1.96
C ASP C 29 4.11 -13.19 -2.60
N PHE C 30 3.72 -12.23 -1.72
CA PHE C 30 2.86 -11.15 -2.19
C PHE C 30 3.46 -10.44 -3.41
N LYS C 31 4.77 -10.16 -3.42
CA LYS C 31 5.36 -9.43 -4.52
C LYS C 31 5.12 -10.08 -5.87
N ASP C 32 5.04 -11.43 -5.89
CA ASP C 32 4.92 -12.15 -7.11
C ASP C 32 3.49 -12.40 -7.59
N ILE C 33 2.52 -11.99 -6.77
CA ILE C 33 1.13 -12.00 -7.22
C ILE C 33 0.99 -11.09 -8.41
N PRO C 34 0.28 -11.47 -9.47
CA PRO C 34 0.11 -10.55 -10.60
C PRO C 34 -0.42 -9.19 -10.12
N ASP C 35 0.13 -8.14 -10.75
CA ASP C 35 -0.07 -6.78 -10.25
C ASP C 35 -1.43 -6.17 -10.61
N ASP C 36 -2.33 -6.96 -11.21
CA ASP C 36 -3.72 -6.61 -11.40
C ASP C 36 -4.66 -7.33 -10.43
N TRP C 37 -4.13 -8.12 -9.50
CA TRP C 37 -4.92 -8.75 -8.50
C TRP C 37 -5.59 -7.69 -7.60
N VAL C 38 -6.75 -8.02 -7.08
CA VAL C 38 -7.46 -7.15 -6.18
C VAL C 38 -7.79 -7.86 -4.88
N CYS C 39 -8.08 -7.04 -3.85
CA CYS C 39 -8.48 -7.58 -2.58
C CYS C 39 -9.73 -8.45 -2.77
N PRO C 40 -9.74 -9.69 -2.29
CA PRO C 40 -10.91 -10.55 -2.52
C PRO C 40 -12.11 -10.17 -1.64
N ILE C 41 -11.93 -9.32 -0.66
CA ILE C 41 -13.05 -8.84 0.14
C ILE C 41 -13.65 -7.61 -0.51
N CYS C 42 -12.85 -6.57 -0.72
CA CYS C 42 -13.39 -5.26 -1.08
C CYS C 42 -13.09 -4.81 -2.48
N GLY C 43 -12.19 -5.49 -3.20
CA GLY C 43 -11.85 -5.09 -4.53
C GLY C 43 -10.77 -4.03 -4.67
N ALA C 44 -10.17 -3.60 -3.55
CA ALA C 44 -9.13 -2.59 -3.60
C ALA C 44 -7.97 -3.11 -4.46
N PRO C 45 -7.24 -2.21 -5.10
CA PRO C 45 -6.09 -2.61 -5.89
C PRO C 45 -4.99 -3.18 -5.01
N LYS C 46 -4.16 -4.03 -5.61
CA LYS C 46 -2.98 -4.56 -4.93
C LYS C 46 -2.11 -3.44 -4.36
N SER C 47 -2.04 -2.31 -5.08
CA SER C 47 -1.24 -1.18 -4.66
C SER C 47 -1.70 -0.56 -3.36
N GLU C 48 -2.89 -0.90 -2.85
CA GLU C 48 -3.39 -0.44 -1.58
C GLU C 48 -3.15 -1.46 -0.46
N PHE C 49 -2.20 -2.38 -0.64
CA PHE C 49 -1.78 -3.29 0.41
C PHE C 49 -0.47 -2.80 1.04
N GLU C 50 -0.25 -3.33 2.26
CA GLU C 50 0.97 -3.03 3.00
C GLU C 50 1.34 -4.26 3.80
N GLU C 51 2.62 -4.42 4.11
CA GLU C 51 3.03 -5.51 4.97
C GLU C 51 2.45 -5.36 6.36
N VAL C 52 2.05 -6.45 6.98
CA VAL C 52 1.54 -6.38 8.35
C VAL C 52 2.66 -6.03 9.27
ZN ZN D . 5.90 -0.98 -6.27
C ACT E . 9.71 5.09 4.84
O ACT E . 10.59 5.89 5.05
OXT ACT E . 9.06 4.55 3.98
CH3 ACT E . 9.12 5.05 6.11
C ACT F . 23.41 -1.51 -0.40
O ACT F . 23.31 -0.53 0.53
OXT ACT F . 23.27 -1.46 -1.34
CH3 ACT F . 23.84 -2.76 0.38
ZN ZN G . -16.54 11.98 0.08
C1 EDO H . -14.95 -1.74 2.80
O1 EDO H . -16.14 -2.57 3.01
C2 EDO H . -14.98 -1.04 1.48
O2 EDO H . -15.85 -0.01 1.39
ZN ZN I . -9.85 -4.96 0.99
C ACT J . 0.54 -2.25 -9.05
O ACT J . -0.35 -1.40 -9.07
OXT ACT J . 1.45 -2.29 -9.98
CH3 ACT J . 0.64 -3.27 -8.04
#